data_2WF8
#
_entry.id   2WF8
#
_cell.length_a   37.300
_cell.length_b   54.300
_cell.length_c   104.200
_cell.angle_alpha   90.00
_cell.angle_beta   90.00
_cell.angle_gamma   90.00
#
_symmetry.space_group_name_H-M   'P 21 21 21'
#
loop_
_entity.id
_entity.type
_entity.pdbx_description
1 polymer BETA-PHOSPHOGLUCOMUTASE
2 non-polymer 'BERYLLIUM TRIFLUORIDE ION'
3 non-polymer 'MAGNESIUM ION'
4 non-polymer 1-O-phosphono-alpha-D-glucopyranose
5 non-polymer 6-O-phosphono-beta-D-glucopyranose
6 non-polymer 'SODIUM ION'
7 non-polymer DI(HYDROXYETHYL)ETHER
8 water water
#
_entity_poly.entity_id   1
_entity_poly.type   'polypeptide(L)'
_entity_poly.pdbx_seq_one_letter_code
;MFKAVLFDLDGVITDTAEYHFRAWKALAEEIGINGVDRQFNEQLKGVSREDSLQKILDLADKKVSAEEFKELAKRKNDNY
VKMIQDVSPADVYPGILQLLKDLRSNKIKIALASASKNGPFLLERMNLTGYFDAIADPAEVAASKPAPDIFIAAAHAVGV
APSESIGLEDSQAGIQAIKDSGALPIGVGRPEDLGDDIVIVPDTSHYTLEFLKEVWLQKQK
;
_entity_poly.pdbx_strand_id   A
#
loop_
_chem_comp.id
_chem_comp.type
_chem_comp.name
_chem_comp.formula
BEF non-polymer 'BERYLLIUM TRIFLUORIDE ION' 'Be F3 -1'
BG6 D-saccharide, beta linking 6-O-phosphono-beta-D-glucopyranose 'C6 H13 O9 P'
G1P D-saccharide 1-O-phosphono-alpha-D-glucopyranose 'C6 H13 O9 P'
MG non-polymer 'MAGNESIUM ION' 'Mg 2'
NA non-polymer 'SODIUM ION' 'Na 1'
PEG non-polymer DI(HYDROXYETHYL)ETHER 'C4 H10 O3'
#
# COMPACT_ATOMS: atom_id res chain seq x y z
N MET A 1 -1.99 24.38 -5.97
CA MET A 1 -2.51 23.02 -6.32
C MET A 1 -1.47 21.95 -5.95
N PHE A 2 -1.92 20.77 -5.57
CA PHE A 2 -0.99 19.67 -5.34
C PHE A 2 -0.24 19.35 -6.63
N LYS A 3 1.01 18.90 -6.48
CA LYS A 3 1.89 18.62 -7.60
C LYS A 3 2.31 17.15 -7.77
N ALA A 4 1.92 16.32 -6.81
CA ALA A 4 2.18 14.87 -6.88
C ALA A 4 1.08 14.12 -6.17
N VAL A 5 0.83 12.90 -6.63
CA VAL A 5 0.02 11.92 -5.92
C VAL A 5 0.91 10.71 -5.67
N LEU A 6 0.92 10.28 -4.42
CA LEU A 6 1.76 9.19 -3.93
C LEU A 6 0.84 8.01 -3.65
N PHE A 7 0.93 7.00 -4.50
CA PHE A 7 0.02 5.87 -4.46
C PHE A 7 0.59 4.72 -3.65
N ASP A 8 -0.16 4.29 -2.62
CA ASP A 8 -0.02 2.93 -2.14
C ASP A 8 -0.48 1.98 -3.26
N LEU A 9 -0.04 0.72 -3.20
CA LEU A 9 -0.46 -0.27 -4.19
C LEU A 9 -1.55 -1.19 -3.64
N ASP A 10 -1.21 -2.01 -2.66
CA ASP A 10 -2.12 -3.06 -2.25
C ASP A 10 -3.34 -2.46 -1.57
N GLY A 11 -4.50 -2.76 -2.10
CA GLY A 11 -5.75 -2.21 -1.60
C GLY A 11 -6.14 -0.82 -2.12
N VAL A 12 -5.29 -0.24 -2.98
CA VAL A 12 -5.56 1.07 -3.58
C VAL A 12 -5.60 0.94 -5.09
N ILE A 13 -4.54 0.38 -5.69
CA ILE A 13 -4.50 0.17 -7.13
C ILE A 13 -5.24 -1.09 -7.54
N THR A 14 -5.19 -2.10 -6.68
CA THR A 14 -5.84 -3.38 -6.95
C THR A 14 -6.06 -4.12 -5.64
N ASP A 15 -6.80 -5.23 -5.69
CA ASP A 15 -7.24 -6.04 -4.56
CA ASP A 15 -7.13 -5.90 -4.40
C ASP A 15 -6.15 -6.99 -4.01
N THR A 16 -4.89 -6.64 -4.05
CA THR A 16 -3.85 -7.55 -3.60
C THR A 16 -3.75 -7.57 -2.06
N ALA A 17 -4.32 -6.59 -1.34
CA ALA A 17 -4.40 -6.72 0.11
C ALA A 17 -5.11 -8.02 0.50
N GLU A 18 -6.11 -8.43 -0.27
CA GLU A 18 -6.85 -9.67 -0.02
C GLU A 18 -5.93 -10.86 -0.11
N TYR A 19 -5.06 -10.86 -1.11
CA TYR A 19 -4.13 -11.96 -1.31
C TYR A 19 -3.05 -12.02 -0.24
N HIS A 20 -2.54 -10.86 0.17
CA HIS A 20 -1.60 -10.84 1.29
C HIS A 20 -2.21 -11.44 2.54
N PHE A 21 -3.45 -11.04 2.81
CA PHE A 21 -4.21 -11.57 3.94
C PHE A 21 -4.33 -13.09 3.87
N ARG A 22 -4.79 -13.59 2.74
CA ARG A 22 -4.97 -15.03 2.59
C ARG A 22 -3.65 -15.79 2.75
N ALA A 23 -2.57 -15.25 2.20
CA ALA A 23 -1.26 -15.90 2.29
C ALA A 23 -0.71 -15.88 3.73
N TRP A 24 -0.84 -14.75 4.42
CA TRP A 24 -0.36 -14.69 5.81
C TRP A 24 -1.17 -15.59 6.72
N LYS A 25 -2.48 -15.64 6.51
CA LYS A 25 -3.34 -16.50 7.32
C LYS A 25 -2.95 -17.97 7.13
N ALA A 26 -2.72 -18.40 5.90
CA ALA A 26 -2.30 -19.77 5.61
C ALA A 26 -0.99 -20.07 6.33
N LEU A 27 -0.05 -19.14 6.26
CA LEU A 27 1.25 -19.31 6.91
CA LEU A 27 1.25 -19.30 6.91
C LEU A 27 1.09 -19.43 8.43
N ALA A 28 0.35 -18.50 9.02
CA ALA A 28 0.13 -18.47 10.45
C ALA A 28 -0.44 -19.81 10.91
N GLU A 29 -1.44 -20.31 10.21
CA GLU A 29 -2.09 -21.55 10.61
C GLU A 29 -1.15 -22.74 10.48
N GLU A 30 -0.27 -22.73 9.49
CA GLU A 30 0.73 -23.82 9.33
C GLU A 30 1.59 -23.93 10.59
N ILE A 31 1.90 -22.80 11.23
CA ILE A 31 2.69 -22.81 12.46
C ILE A 31 1.83 -22.79 13.73
N GLY A 32 0.52 -22.99 13.58
CA GLY A 32 -0.37 -23.16 14.73
C GLY A 32 -0.87 -21.89 15.37
N ILE A 33 -0.83 -20.78 14.63
CA ILE A 33 -1.31 -19.48 15.07
C ILE A 33 -2.60 -19.20 14.33
N ASN A 34 -3.71 -19.07 15.05
CA ASN A 34 -5.02 -18.98 14.42
C ASN A 34 -5.68 -17.59 14.51
N GLY A 35 -4.95 -16.62 15.02
CA GLY A 35 -5.49 -15.29 15.28
C GLY A 35 -5.45 -14.32 14.11
N VAL A 36 -4.94 -14.73 12.96
CA VAL A 36 -4.91 -13.85 11.78
C VAL A 36 -6.26 -13.91 11.06
N ASP A 37 -7.17 -13.08 11.56
CA ASP A 37 -8.47 -12.89 10.93
C ASP A 37 -8.52 -11.50 10.29
N ARG A 38 -9.65 -11.14 9.70
CA ARG A 38 -9.70 -9.88 8.96
C ARG A 38 -9.46 -8.69 9.88
N GLN A 39 -9.97 -8.75 11.10
CA GLN A 39 -9.74 -7.67 12.07
C GLN A 39 -8.26 -7.52 12.38
N PHE A 40 -7.59 -8.61 12.71
CA PHE A 40 -6.16 -8.56 12.97
C PHE A 40 -5.39 -8.06 11.75
N ASN A 41 -5.79 -8.50 10.57
CA ASN A 41 -5.12 -8.13 9.34
C ASN A 41 -5.06 -6.61 9.09
N GLU A 42 -5.95 -5.84 9.73
CA GLU A 42 -5.83 -4.38 9.63
C GLU A 42 -4.46 -3.90 10.16
N GLN A 43 -3.87 -4.65 11.09
CA GLN A 43 -2.54 -4.34 11.61
C GLN A 43 -1.40 -4.79 10.70
N LEU A 44 -1.72 -5.58 9.68
CA LEU A 44 -0.74 -6.04 8.71
C LEU A 44 -0.77 -5.26 7.40
N LYS A 45 -1.88 -4.58 7.09
CA LYS A 45 -1.94 -3.83 5.83
C LYS A 45 -0.86 -2.74 5.83
N GLY A 46 -0.10 -2.67 4.75
CA GLY A 46 0.92 -1.64 4.61
C GLY A 46 2.21 -1.87 5.37
N VAL A 47 2.32 -2.98 6.07
CA VAL A 47 3.46 -3.28 6.92
C VAL A 47 4.41 -4.22 6.17
N SER A 48 5.71 -4.03 6.34
CA SER A 48 6.72 -4.81 5.60
C SER A 48 6.59 -6.30 5.84
N ARG A 49 7.18 -7.08 4.94
CA ARG A 49 7.10 -8.54 5.03
C ARG A 49 7.60 -9.03 6.40
N GLU A 50 8.75 -8.54 6.82
CA GLU A 50 9.38 -8.99 8.06
CA GLU A 50 9.33 -9.05 8.06
C GLU A 50 8.60 -8.47 9.28
N ASP A 51 8.16 -7.22 9.22
CA ASP A 51 7.38 -6.70 10.34
C ASP A 51 6.04 -7.41 10.45
N SER A 52 5.49 -7.83 9.31
CA SER A 52 4.23 -8.54 9.31
C SER A 52 4.35 -9.90 9.98
N LEU A 53 5.37 -10.65 9.61
CA LEU A 53 5.63 -11.93 10.24
C LEU A 53 5.85 -11.76 11.74
N GLN A 54 6.63 -10.74 12.13
CA GLN A 54 6.88 -10.52 13.54
C GLN A 54 5.58 -10.22 14.31
N LYS A 55 4.68 -9.43 13.72
CA LYS A 55 3.41 -9.16 14.37
CA LYS A 55 3.38 -9.16 14.36
C LYS A 55 2.59 -10.44 14.56
N ILE A 56 2.64 -11.34 13.57
CA ILE A 56 1.94 -12.62 13.67
C ILE A 56 2.54 -13.49 14.78
N LEU A 57 3.86 -13.58 14.82
CA LEU A 57 4.53 -14.34 15.89
C LEU A 57 4.22 -13.73 17.26
N ASP A 58 4.13 -12.41 17.35
CA ASP A 58 3.87 -11.72 18.63
C ASP A 58 2.45 -11.94 19.12
N LEU A 59 1.51 -11.95 18.19
CA LEU A 59 0.13 -12.25 18.48
C LEU A 59 0.05 -13.49 19.37
N ALA A 60 0.83 -14.51 19.04
CA ALA A 60 0.84 -15.78 19.78
C ALA A 60 1.95 -15.88 20.83
N ASP A 61 2.74 -14.81 20.98
CA ASP A 61 3.94 -14.84 21.81
C ASP A 61 4.78 -16.06 21.46
N LYS A 62 5.11 -16.18 20.18
CA LYS A 62 5.89 -17.31 19.67
C LYS A 62 7.28 -16.86 19.28
N LYS A 63 8.29 -17.61 19.70
CA LYS A 63 9.63 -17.42 19.22
C LYS A 63 9.99 -18.56 18.27
N VAL A 64 10.65 -18.22 17.17
CA VAL A 64 11.17 -19.18 16.23
C VAL A 64 12.64 -18.85 16.07
N SER A 65 13.42 -19.77 15.52
CA SER A 65 14.81 -19.49 15.22
C SER A 65 14.93 -18.46 14.09
N ALA A 66 16.09 -17.82 13.97
CA ALA A 66 16.36 -16.89 12.89
C ALA A 66 16.23 -17.61 11.56
N GLU A 67 16.69 -18.86 11.49
CA GLU A 67 16.59 -19.65 10.27
C GLU A 67 15.13 -19.90 9.90
N GLU A 68 14.33 -20.27 10.87
CA GLU A 68 12.91 -20.50 10.63
C GLU A 68 12.21 -19.20 10.23
N PHE A 69 12.57 -18.08 10.85
CA PHE A 69 11.93 -16.81 10.51
C PHE A 69 12.11 -16.54 9.02
N LYS A 70 13.35 -16.65 8.56
CA LYS A 70 13.69 -16.48 7.15
C LYS A 70 12.88 -17.42 6.27
N GLU A 71 12.80 -18.69 6.64
CA GLU A 71 12.05 -19.68 5.87
CA GLU A 71 12.04 -19.67 5.86
C GLU A 71 10.56 -19.35 5.81
N LEU A 72 10.00 -18.88 6.92
CA LEU A 72 8.58 -18.58 6.94
C LEU A 72 8.25 -17.37 6.05
N ALA A 73 9.06 -16.33 6.11
CA ALA A 73 8.82 -15.15 5.27
C ALA A 73 8.95 -15.54 3.80
N LYS A 74 9.94 -16.35 3.46
CA LYS A 74 10.10 -16.84 2.09
C LYS A 74 8.93 -17.70 1.65
N ARG A 75 8.41 -18.55 2.54
CA ARG A 75 7.31 -19.45 2.22
C ARG A 75 6.08 -18.64 1.88
N LYS A 76 5.77 -17.66 2.73
CA LYS A 76 4.59 -16.81 2.46
C LYS A 76 4.79 -16.04 1.16
N ASN A 77 5.97 -15.48 0.94
CA ASN A 77 6.18 -14.73 -0.28
C ASN A 77 6.08 -15.61 -1.52
N ASP A 78 6.63 -16.81 -1.46
CA ASP A 78 6.54 -17.71 -2.61
C ASP A 78 5.08 -18.02 -2.97
N ASN A 79 4.26 -18.25 -1.95
CA ASN A 79 2.83 -18.50 -2.10
C ASN A 79 2.14 -17.27 -2.71
N TYR A 80 2.40 -16.10 -2.13
CA TYR A 80 1.82 -14.85 -2.60
C TYR A 80 2.19 -14.60 -4.07
N VAL A 81 3.46 -14.79 -4.42
CA VAL A 81 3.94 -14.57 -5.78
C VAL A 81 3.25 -15.51 -6.75
N LYS A 82 3.01 -16.76 -6.35
CA LYS A 82 2.21 -17.66 -7.19
C LYS A 82 0.78 -17.17 -7.35
N MET A 83 0.19 -16.72 -6.25
CA MET A 83 -1.19 -16.19 -6.32
CA MET A 83 -1.17 -16.17 -6.27
C MET A 83 -1.37 -15.04 -7.31
N ILE A 84 -0.37 -14.18 -7.45
CA ILE A 84 -0.54 -12.97 -8.26
C ILE A 84 -0.12 -13.12 -9.72
N GLN A 85 0.29 -14.32 -10.17
CA GLN A 85 0.77 -14.43 -11.54
C GLN A 85 -0.27 -14.05 -12.58
N ASP A 86 -1.54 -14.33 -12.29
CA ASP A 86 -2.60 -14.05 -13.27
C ASP A 86 -3.23 -12.67 -13.13
N VAL A 87 -2.76 -11.83 -12.20
CA VAL A 87 -3.21 -10.45 -12.15
C VAL A 87 -3.02 -9.81 -13.53
N SER A 88 -4.00 -9.03 -13.96
CA SER A 88 -3.97 -8.41 -15.29
C SER A 88 -4.54 -6.99 -15.23
N PRO A 89 -4.55 -6.29 -16.38
CA PRO A 89 -5.18 -4.96 -16.37
C PRO A 89 -6.65 -4.99 -15.93
N ALA A 90 -7.35 -6.12 -16.09
CA ALA A 90 -8.73 -6.22 -15.70
C ALA A 90 -8.91 -6.12 -14.20
N ASP A 91 -7.82 -6.31 -13.46
CA ASP A 91 -7.85 -6.26 -11.99
C ASP A 91 -7.59 -4.88 -11.41
N VAL A 92 -7.26 -3.91 -12.24
CA VAL A 92 -7.10 -2.55 -11.72
C VAL A 92 -8.43 -2.10 -11.13
N TYR A 93 -8.37 -1.51 -9.95
CA TYR A 93 -9.56 -1.04 -9.28
C TYR A 93 -10.26 0.08 -10.05
N PRO A 94 -11.58 0.18 -9.89
CA PRO A 94 -12.32 1.23 -10.59
C PRO A 94 -11.77 2.61 -10.29
N GLY A 95 -11.69 3.41 -11.35
CA GLY A 95 -11.28 4.79 -11.25
C GLY A 95 -9.80 5.01 -11.33
N ILE A 96 -8.99 3.98 -11.06
CA ILE A 96 -7.55 4.18 -10.92
C ILE A 96 -6.87 4.49 -12.25
N LEU A 97 -7.17 3.72 -13.29
CA LEU A 97 -6.55 3.99 -14.61
C LEU A 97 -6.91 5.40 -15.11
N GLN A 98 -8.17 5.79 -14.97
N GLN A 98 -8.17 5.78 -14.99
CA GLN A 98 -8.59 7.11 -15.44
CA GLN A 98 -8.57 7.12 -15.40
C GLN A 98 -7.95 8.24 -14.61
C GLN A 98 -7.86 8.21 -14.62
N LEU A 99 -7.75 8.00 -13.30
CA LEU A 99 -7.07 8.94 -12.45
C LEU A 99 -5.64 9.13 -12.92
N LEU A 100 -4.93 8.04 -13.18
CA LEU A 100 -3.55 8.15 -13.66
C LEU A 100 -3.49 8.96 -14.94
N LYS A 101 -4.38 8.68 -15.88
CA LYS A 101 -4.46 9.43 -17.14
CA LYS A 101 -4.44 9.43 -17.14
C LYS A 101 -4.74 10.92 -16.90
N ASP A 102 -5.68 11.22 -16.02
CA ASP A 102 -6.06 12.61 -15.77
C ASP A 102 -4.94 13.35 -15.06
N LEU A 103 -4.24 12.67 -14.15
CA LEU A 103 -3.11 13.29 -13.47
C LEU A 103 -2.02 13.65 -14.48
N ARG A 104 -1.70 12.72 -15.36
CA ARG A 104 -0.67 12.99 -16.35
C ARG A 104 -1.05 14.14 -17.28
N SER A 105 -2.33 14.19 -17.68
CA SER A 105 -2.79 15.26 -18.55
CA SER A 105 -2.82 15.28 -18.54
C SER A 105 -2.65 16.64 -17.87
N ASN A 106 -2.74 16.67 -16.55
CA ASN A 106 -2.63 17.90 -15.77
C ASN A 106 -1.23 18.13 -15.19
N LYS A 107 -0.25 17.36 -15.67
CA LYS A 107 1.15 17.50 -15.29
C LYS A 107 1.40 17.32 -13.79
N ILE A 108 0.60 16.45 -13.17
CA ILE A 108 0.77 16.09 -11.77
C ILE A 108 1.58 14.80 -11.72
N LYS A 109 2.67 14.82 -10.96
CA LYS A 109 3.56 13.68 -10.85
C LYS A 109 2.88 12.52 -10.12
N ILE A 110 3.31 11.32 -10.50
CA ILE A 110 2.75 10.07 -9.98
C ILE A 110 3.90 9.20 -9.47
N ALA A 111 3.84 8.84 -8.20
CA ALA A 111 4.88 7.99 -7.60
C ALA A 111 4.24 6.85 -6.82
N LEU A 112 4.91 5.68 -6.82
CA LEU A 112 4.48 4.55 -6.00
C LEU A 112 5.17 4.59 -4.64
N ALA A 113 4.36 4.43 -3.61
CA ALA A 113 4.82 4.39 -2.23
C ALA A 113 4.26 3.16 -1.54
N SER A 114 4.57 2.00 -2.11
CA SER A 114 4.14 0.71 -1.56
C SER A 114 5.19 0.13 -0.64
N ALA A 115 4.73 -0.56 0.40
CA ALA A 115 5.61 -1.36 1.27
C ALA A 115 6.08 -2.66 0.60
N SER A 116 5.49 -3.03 -0.52
CA SER A 116 5.74 -4.35 -1.14
C SER A 116 6.87 -4.37 -2.13
N LYS A 117 7.78 -5.33 -1.95
CA LYS A 117 8.86 -5.55 -2.90
C LYS A 117 8.35 -6.13 -4.22
N ASN A 118 7.10 -6.60 -4.21
CA ASN A 118 6.43 -7.09 -5.41
C ASN A 118 5.73 -5.99 -6.22
N GLY A 119 5.90 -4.73 -5.81
CA GLY A 119 5.20 -3.62 -6.47
C GLY A 119 5.52 -3.49 -7.96
N PRO A 120 6.80 -3.49 -8.33
CA PRO A 120 7.14 -3.31 -9.75
C PRO A 120 6.54 -4.43 -10.62
N PHE A 121 6.63 -5.68 -10.16
CA PHE A 121 6.03 -6.78 -10.89
C PHE A 121 4.50 -6.58 -11.09
N LEU A 122 3.82 -6.15 -10.03
CA LEU A 122 2.38 -5.94 -10.12
C LEU A 122 2.03 -4.82 -11.08
N LEU A 123 2.79 -3.72 -11.08
CA LEU A 123 2.49 -2.64 -12.02
C LEU A 123 2.66 -3.13 -13.45
N GLU A 124 3.65 -3.97 -13.67
CA GLU A 124 3.83 -4.57 -15.00
C GLU A 124 2.65 -5.49 -15.36
N ARG A 125 2.21 -6.35 -14.43
CA ARG A 125 1.08 -7.23 -14.69
C ARG A 125 -0.14 -6.43 -15.13
N MET A 126 -0.32 -5.26 -14.53
CA MET A 126 -1.49 -4.42 -14.79
C MET A 126 -1.31 -3.40 -15.90
N ASN A 127 -0.17 -3.42 -16.57
CA ASN A 127 0.15 -2.43 -17.61
C ASN A 127 0.04 -1.01 -17.11
N LEU A 128 0.60 -0.78 -15.92
CA LEU A 128 0.54 0.54 -15.29
C LEU A 128 1.89 1.22 -15.19
N THR A 129 2.98 0.49 -15.44
CA THR A 129 4.32 1.03 -15.22
C THR A 129 4.52 2.39 -15.88
N GLY A 130 4.03 2.55 -17.11
CA GLY A 130 4.25 3.78 -17.86
C GLY A 130 3.55 4.99 -17.31
N TYR A 131 2.62 4.80 -16.39
CA TYR A 131 1.96 5.92 -15.74
C TYR A 131 2.76 6.50 -14.58
N PHE A 132 3.74 5.76 -14.07
CA PHE A 132 4.47 6.15 -12.87
C PHE A 132 5.74 6.88 -13.21
N ASP A 133 5.89 8.07 -12.64
CA ASP A 133 7.12 8.86 -12.78
C ASP A 133 8.24 8.32 -11.89
N ALA A 134 7.87 7.67 -10.78
CA ALA A 134 8.86 7.05 -9.91
C ALA A 134 8.22 5.94 -9.09
N ILE A 135 9.07 4.99 -8.67
CA ILE A 135 8.69 3.97 -7.68
C ILE A 135 9.69 4.09 -6.52
N ALA A 136 9.20 4.41 -5.32
CA ALA A 136 10.06 4.44 -4.14
C ALA A 136 10.28 2.99 -3.69
N ASP A 137 11.54 2.55 -3.71
CA ASP A 137 11.89 1.18 -3.37
C ASP A 137 11.84 0.99 -1.86
N PRO A 138 10.92 0.13 -1.36
CA PRO A 138 10.78 -0.01 0.08
C PRO A 138 11.99 -0.65 0.76
N ALA A 139 12.86 -1.29 -0.01
CA ALA A 139 14.11 -1.82 0.53
C ALA A 139 15.19 -0.76 0.71
N GLU A 140 14.98 0.45 0.16
CA GLU A 140 15.98 1.53 0.25
C GLU A 140 15.79 2.43 1.48
N VAL A 141 14.57 2.52 2.00
CA VAL A 141 14.30 3.35 3.19
C VAL A 141 14.87 2.73 4.47
N ALA A 142 15.27 3.57 5.42
CA ALA A 142 15.78 3.10 6.71
C ALA A 142 14.66 2.63 7.62
N ALA A 143 13.44 3.12 7.38
CA ALA A 143 12.28 2.83 8.22
C ALA A 143 11.01 2.69 7.37
N SER A 144 10.31 1.56 7.55
CA SER A 144 9.09 1.21 6.81
CA SER A 144 9.11 1.26 6.78
C SER A 144 7.84 1.78 7.46
N LYS A 145 6.69 1.67 6.80
CA LYS A 145 5.42 2.16 7.33
C LYS A 145 5.20 1.52 8.72
N PRO A 146 4.73 2.27 9.71
CA PRO A 146 4.15 3.61 9.67
C PRO A 146 5.11 4.79 9.68
N ALA A 147 6.41 4.56 9.62
CA ALA A 147 7.34 5.67 9.43
C ALA A 147 7.06 6.34 8.09
N PRO A 148 7.27 7.67 8.01
CA PRO A 148 6.92 8.40 6.78
C PRO A 148 7.91 8.24 5.61
N ASP A 149 9.05 7.58 5.83
CA ASP A 149 10.17 7.59 4.89
C ASP A 149 9.78 7.26 3.45
N ILE A 150 8.96 6.22 3.27
CA ILE A 150 8.60 5.81 1.92
C ILE A 150 7.81 6.88 1.15
N PHE A 151 6.93 7.61 1.85
CA PHE A 151 6.17 8.69 1.22
C PHE A 151 7.07 9.89 0.93
N ILE A 152 7.97 10.20 1.85
CA ILE A 152 8.96 11.26 1.64
C ILE A 152 9.83 10.94 0.43
N ALA A 153 10.29 9.70 0.35
CA ALA A 153 11.10 9.23 -0.76
C ALA A 153 10.37 9.31 -2.11
N ALA A 154 9.11 8.91 -2.12
CA ALA A 154 8.29 8.97 -3.31
C ALA A 154 8.14 10.40 -3.84
N ALA A 155 7.88 11.32 -2.92
CA ALA A 155 7.76 12.74 -3.27
C ALA A 155 9.09 13.27 -3.82
N HIS A 156 10.17 12.97 -3.12
CA HIS A 156 11.50 13.44 -3.55
CA HIS A 156 11.49 13.46 -3.53
C HIS A 156 11.89 12.90 -4.91
N ALA A 157 11.48 11.66 -5.20
CA ALA A 157 11.82 11.01 -6.44
C ALA A 157 11.19 11.69 -7.65
N VAL A 158 10.09 12.40 -7.42
CA VAL A 158 9.43 13.16 -8.51
C VAL A 158 9.64 14.68 -8.37
N GLY A 159 10.52 15.10 -7.47
CA GLY A 159 10.91 16.51 -7.33
C GLY A 159 9.86 17.40 -6.71
N VAL A 160 9.02 16.82 -5.84
CA VAL A 160 7.91 17.54 -5.23
C VAL A 160 8.01 17.41 -3.71
N ALA A 161 7.68 18.49 -2.99
CA ALA A 161 7.67 18.43 -1.53
C ALA A 161 6.53 17.54 -1.06
N PRO A 162 6.74 16.77 0.01
CA PRO A 162 5.59 16.04 0.57
C PRO A 162 4.37 16.93 0.88
N SER A 163 4.61 18.15 1.34
CA SER A 163 3.50 19.06 1.67
C SER A 163 2.68 19.55 0.47
N GLU A 164 3.19 19.32 -0.75
CA GLU A 164 2.42 19.60 -1.95
C GLU A 164 1.96 18.32 -2.63
N SER A 165 1.85 17.25 -1.83
CA SER A 165 1.44 15.96 -2.34
C SER A 165 0.20 15.45 -1.63
N ILE A 166 -0.54 14.61 -2.34
CA ILE A 166 -1.62 13.82 -1.78
C ILE A 166 -1.14 12.36 -1.74
N GLY A 167 -1.41 11.68 -0.64
CA GLY A 167 -1.14 10.24 -0.52
C GLY A 167 -2.45 9.47 -0.44
N LEU A 168 -2.49 8.35 -1.17
CA LEU A 168 -3.67 7.49 -1.21
C LEU A 168 -3.35 6.17 -0.53
N GLU A 169 -4.16 5.80 0.46
CA GLU A 169 -3.88 4.63 1.30
C GLU A 169 -5.15 3.91 1.75
N ASP A 170 -5.00 2.61 1.98
CA ASP A 170 -6.04 1.75 2.52
C ASP A 170 -5.77 1.26 3.93
N SER A 171 -4.66 1.67 4.55
CA SER A 171 -4.22 1.04 5.79
C SER A 171 -3.96 2.03 6.92
N GLN A 172 -4.11 1.54 8.15
CA GLN A 172 -3.80 2.32 9.33
C GLN A 172 -2.34 2.75 9.31
N ALA A 173 -1.41 1.83 9.03
CA ALA A 173 0.00 2.14 9.06
C ALA A 173 0.36 3.17 8.00
N GLY A 174 -0.23 3.04 6.82
CA GLY A 174 0.05 3.95 5.73
C GLY A 174 -0.54 5.33 5.92
N ILE A 175 -1.73 5.42 6.48
CA ILE A 175 -2.30 6.73 6.83
CA ILE A 175 -2.30 6.73 6.82
C ILE A 175 -1.37 7.47 7.80
N GLN A 176 -0.88 6.77 8.82
CA GLN A 176 0.05 7.39 9.75
C GLN A 176 1.33 7.85 9.04
N ALA A 177 1.86 7.04 8.12
CA ALA A 177 3.05 7.39 7.36
C ALA A 177 2.79 8.65 6.53
N ILE A 178 1.63 8.73 5.89
CA ILE A 178 1.30 9.93 5.12
C ILE A 178 1.23 11.15 6.03
N LYS A 179 0.49 11.04 7.14
CA LYS A 179 0.39 12.17 8.09
C LYS A 179 1.76 12.70 8.47
N ASP A 180 2.66 11.79 8.86
CA ASP A 180 3.97 12.18 9.36
C ASP A 180 4.95 12.63 8.27
N SER A 181 4.61 12.43 7.00
CA SER A 181 5.40 12.91 5.88
C SER A 181 5.15 14.38 5.57
N GLY A 182 3.97 14.86 5.94
CA GLY A 182 3.50 16.19 5.57
C GLY A 182 2.52 16.23 4.40
N ALA A 183 2.36 15.10 3.68
CA ALA A 183 1.38 15.00 2.60
C ALA A 183 -0.03 14.90 3.16
N LEU A 184 -1.02 15.10 2.29
CA LEU A 184 -2.43 15.05 2.66
C LEU A 184 -2.96 13.66 2.38
N PRO A 185 -3.45 12.96 3.41
CA PRO A 185 -3.95 11.60 3.18
C PRO A 185 -5.42 11.59 2.74
N ILE A 186 -5.77 10.73 1.79
CA ILE A 186 -7.16 10.41 1.51
C ILE A 186 -7.24 8.88 1.55
N GLY A 187 -7.95 8.36 2.55
CA GLY A 187 -8.05 6.91 2.73
C GLY A 187 -9.17 6.31 1.94
N VAL A 188 -9.02 5.02 1.64
CA VAL A 188 -10.09 4.23 1.04
C VAL A 188 -10.39 3.01 1.93
N GLY A 189 -11.64 2.90 2.35
CA GLY A 189 -12.06 1.84 3.26
C GLY A 189 -13.11 2.35 4.23
N ARG A 190 -13.18 1.70 5.39
CA ARG A 190 -14.19 2.00 6.41
C ARG A 190 -13.57 2.97 7.46
N PRO A 191 -14.32 4.03 7.87
CA PRO A 191 -13.79 4.82 9.00
C PRO A 191 -13.61 3.99 10.27
N GLU A 192 -14.45 2.96 10.44
CA GLU A 192 -14.34 1.99 11.54
CA GLU A 192 -14.33 2.00 11.55
C GLU A 192 -12.93 1.39 11.59
N ASP A 193 -12.30 1.28 10.42
CA ASP A 193 -10.93 0.79 10.30
C ASP A 193 -9.89 1.90 10.23
N LEU A 194 -10.17 2.99 9.51
CA LEU A 194 -9.13 3.97 9.17
C LEU A 194 -9.17 5.28 9.97
N GLY A 195 -10.26 5.51 10.69
CA GLY A 195 -10.42 6.70 11.53
C GLY A 195 -11.40 7.71 10.96
N ASP A 196 -11.89 8.59 11.83
CA ASP A 196 -12.84 9.64 11.45
C ASP A 196 -12.18 11.02 11.38
N ASP A 197 -10.83 11.06 11.33
CA ASP A 197 -10.05 12.31 11.38
C ASP A 197 -9.31 12.66 10.07
N ILE A 198 -9.48 11.85 9.05
CA ILE A 198 -9.03 12.21 7.70
C ILE A 198 -10.18 12.01 6.73
N VAL A 199 -10.00 12.49 5.50
CA VAL A 199 -10.99 12.24 4.46
C VAL A 199 -10.86 10.76 4.05
N ILE A 200 -12.00 10.08 4.01
CA ILE A 200 -12.05 8.67 3.64
C ILE A 200 -13.15 8.47 2.61
N VAL A 201 -12.87 7.66 1.60
CA VAL A 201 -13.86 7.32 0.59
C VAL A 201 -14.16 5.83 0.70
N PRO A 202 -15.37 5.42 0.32
CA PRO A 202 -15.71 4.01 0.50
C PRO A 202 -15.11 3.04 -0.52
N ASP A 203 -14.76 3.55 -1.70
CA ASP A 203 -14.19 2.74 -2.77
C ASP A 203 -13.40 3.64 -3.71
N THR A 204 -12.56 3.03 -4.55
CA THR A 204 -11.64 3.80 -5.36
C THR A 204 -12.28 4.56 -6.51
N SER A 205 -13.54 4.28 -6.86
CA SER A 205 -14.20 5.09 -7.90
C SER A 205 -14.30 6.56 -7.47
N HIS A 206 -14.21 6.81 -6.16
CA HIS A 206 -14.24 8.17 -5.60
C HIS A 206 -12.93 8.90 -5.81
N TYR A 207 -11.87 8.18 -6.17
CA TYR A 207 -10.58 8.81 -6.45
C TYR A 207 -10.56 9.35 -7.88
N THR A 208 -11.21 10.50 -8.07
CA THR A 208 -11.16 11.25 -9.32
C THR A 208 -10.28 12.46 -9.10
N LEU A 209 -9.70 12.98 -10.18
CA LEU A 209 -8.95 14.21 -10.09
C LEU A 209 -9.86 15.33 -9.56
N GLU A 210 -11.13 15.35 -10.00
CA GLU A 210 -12.12 16.34 -9.56
CA GLU A 210 -12.15 16.30 -9.57
C GLU A 210 -12.21 16.28 -8.03
N PHE A 211 -12.33 15.08 -7.43
CA PHE A 211 -12.44 14.98 -5.97
C PHE A 211 -11.14 15.35 -5.24
N LEU A 212 -10.01 14.89 -5.76
CA LEU A 212 -8.73 15.27 -5.16
C LEU A 212 -8.62 16.80 -5.13
N LYS A 213 -9.04 17.46 -6.21
CA LYS A 213 -9.14 18.93 -6.21
C LYS A 213 -10.15 19.44 -5.18
N GLU A 214 -11.35 18.85 -5.13
CA GLU A 214 -12.40 19.22 -4.16
C GLU A 214 -11.81 19.18 -2.75
N VAL A 215 -11.05 18.12 -2.46
CA VAL A 215 -10.43 17.94 -1.13
C VAL A 215 -9.31 18.91 -0.85
N TRP A 216 -8.40 19.09 -1.82
CA TRP A 216 -7.29 20.00 -1.67
C TRP A 216 -7.75 21.45 -1.43
N LEU A 217 -8.78 21.88 -2.17
CA LEU A 217 -9.38 23.23 -1.99
C LEU A 217 -10.05 23.32 -0.63
N GLN A 218 -10.64 22.20 -0.22
CA GLN A 218 -11.13 21.97 1.14
C GLN A 218 -12.60 22.29 1.27
BE BEF B . 0.77 -0.70 0.11
F1 BEF B . 1.97 -0.62 1.09
F2 BEF B . 1.21 -1.22 -1.33
F3 BEF B . -0.38 -1.57 0.64
MG MG C . -2.24 -0.91 1.05
C1 G1P D . 4.35 -6.68 2.18
C1 G1P D . 3.75 -7.03 1.80
C2 G1P D . 3.01 -5.74 1.39
C2 G1P D . 1.80 -4.02 1.98
C3 G1P D . 2.09 -5.15 2.46
C3 G1P D . 2.15 -5.50 2.06
C4 G1P D . 1.44 -6.30 3.20
C4 G1P D . 1.74 -6.02 3.44
C5 G1P D . 2.56 -6.93 4.01
C5 G1P D . 2.19 -7.49 3.56
C6 G1P D . 1.89 -8.08 4.71
C6 G1P D . 3.69 -7.69 3.21
O1 G1P D . 5.13 -6.86 1.25
O1 G1P D . 4.79 -6.96 0.79
O2 G1P D . 4.01 -4.81 1.02
O2 G1P D . 3.91 -9.04 2.83
O3 G1P D . 1.11 -4.27 1.91
O3 G1P D . 3.58 -5.48 1.95
O4 G1P D . 0.34 -5.90 4.03
O4 G1P D . 0.31 -6.01 3.59
O5 G1P D . 3.75 -7.32 3.25
O5 G1P D . 1.97 -7.98 4.89
O6 G1P D . 0.95 -7.59 5.66
O6 G1P D . 0.39 -3.80 1.84
P G1P D . 5.86 -7.91 0.22
P G1P D . 5.99 -7.90 0.31
O1P G1P D . 5.01 -8.14 -1.13
O1P G1P D . 5.63 -8.22 -1.22
O2P G1P D . 7.26 -7.51 -0.06
O2P G1P D . 5.85 -9.26 1.19
O3P G1P D . 5.82 -9.30 1.06
O3P G1P D . 7.35 -7.32 0.38
C1 BG6 E . 2.38 -3.74 1.47
C2 BG6 E . 1.20 -4.66 1.73
O1 BG6 E . 2.25 -3.09 0.21
O5 BG6 E . 3.59 -4.43 1.36
C3 BG6 E . 1.52 -5.79 2.67
O2 BG6 E . 0.17 -3.79 2.22
C4 BG6 E . 2.76 -6.29 2.73
O3 BG6 E . 0.53 -6.35 3.38
C5 BG6 E . 3.67 -5.75 1.90
O4 BG6 E . 3.10 -7.26 3.61
C6 BG6 E . 4.82 -6.22 1.45
O6 BG6 E . 5.40 -7.50 1.59
P BG6 E . 6.03 -8.05 0.22
O1P BG6 E . 7.28 -7.24 -0.03
O2P BG6 E . 6.35 -9.42 0.72
O3P BG6 E . 4.95 -7.97 -0.81
NA NA F . -12.60 12.23 -18.40
NA NA G . -12.98 7.80 -12.93
C1 PEG H . -5.76 25.06 -3.73
O1 PEG H . -4.50 24.86 -4.37
C2 PEG H . -6.94 24.48 -4.53
O2 PEG H . -6.70 23.21 -5.22
C3 PEG H . -7.97 22.64 -5.57
C4 PEG H . -8.43 23.17 -6.93
O4 PEG H . -9.46 24.12 -6.77
C1 PEG I . 11.23 -14.87 17.42
O1 PEG I . 10.06 -15.45 16.87
C2 PEG I . 10.81 -13.54 18.07
O2 PEG I . 9.39 -13.60 18.04
C3 PEG I . 8.86 -13.04 19.23
C4 PEG I . 7.41 -13.49 19.25
O4 PEG I . 6.68 -12.81 20.27
C1 PEG J . -1.68 -19.99 -7.38
O1 PEG J . -1.54 -20.49 -6.05
C2 PEG J . -3.15 -19.67 -7.68
O2 PEG J . -3.56 -18.54 -6.89
C3 PEG J . -4.70 -17.90 -7.50
C4 PEG J . -5.11 -16.61 -6.79
O4 PEG J . -5.56 -16.91 -5.47
#